data_1HWQ
#
_entry.id   1HWQ
#
_cell.length_a   1.000
_cell.length_b   1.000
_cell.length_c   1.000
_cell.angle_alpha   90.00
_cell.angle_beta   90.00
_cell.angle_gamma   90.00
#
_symmetry.space_group_name_H-M   'P 1'
#
_entity_poly.entity_id   1
_entity_poly.type   'polyribonucleotide'
_entity_poly.pdbx_seq_one_letter_code
;GGUGCGAAGGGCGUCGUCGCCCCGAGCGCC
;
_entity_poly.pdbx_strand_id   A
#
loop_
_chem_comp.id
_chem_comp.type
_chem_comp.name
_chem_comp.formula
A RNA linking ADENOSINE-5'-MONOPHOSPHATE 'C10 H14 N5 O7 P'
C RNA linking CYTIDINE-5'-MONOPHOSPHATE 'C9 H14 N3 O8 P'
G RNA linking GUANOSINE-5'-MONOPHOSPHATE 'C10 H14 N5 O8 P'
U RNA linking URIDINE-5'-MONOPHOSPHATE 'C9 H13 N2 O9 P'
#